data_6OOK
#
_entry.id   6OOK
#
_cell.length_a   45.003
_cell.length_b   106.725
_cell.length_c   47.736
_cell.angle_alpha   90.000
_cell.angle_beta   101.730
_cell.angle_gamma   90.000
#
_symmetry.space_group_name_H-M   'P 1 21 1'
#
loop_
_entity.id
_entity.type
_entity.pdbx_description
1 polymer Beta-lactamase
2 non-polymer 3-(pyridin-2-yl)-N-[3-(1H-tetrazol-5-yl)phenyl]-5-(trifluoromethyl)benzamide
3 non-polymer 'PHOSPHATE ION'
4 water water
#
_entity_poly.entity_id   1
_entity_poly.type   'polypeptide(L)'
_entity_poly.pdbx_seq_one_letter_code
;(PCA)TSAVQQKLAALEKSSGGRLGVALIDTADNTQVLYRGDERFPMCSTSKVMAAAAVLKQSETQKQLLNQPVEIKPAD
LVNYNPIAEKHVNGTMTLAELSAAALQYSDNTAMNKLIAQLGGPGGVTAFARAIGDETFRLDRTEPTLNTAIPGDPRDTT
TPRAMAQTLRQLTLGHALGETQRAQLVTWLKGNTTGAASIRAGLPTSWTVGDKTGSGDYGTTNDIAVIWPQGRAPLVLVT
YFTQPQQNAESRRDVLASAARIIAEGL
;
_entity_poly.pdbx_strand_id   A,B
#
# COMPACT_ATOMS: atom_id res chain seq x y z
N THR A 2 4.20 -3.12 1.69
CA THR A 2 3.59 -3.56 0.43
C THR A 2 2.08 -3.66 0.65
N SER A 3 1.32 -2.89 -0.10
CA SER A 3 -0.14 -2.90 0.01
C SER A 3 -0.74 -4.03 -0.81
N ALA A 4 -2.04 -4.25 -0.61
CA ALA A 4 -2.76 -5.25 -1.40
C ALA A 4 -2.68 -4.93 -2.89
N VAL A 5 -2.82 -3.64 -3.23
CA VAL A 5 -2.72 -3.22 -4.62
C VAL A 5 -1.32 -3.49 -5.16
N GLN A 6 -0.29 -3.17 -4.37
CA GLN A 6 1.07 -3.42 -4.85
C GLN A 6 1.33 -4.90 -5.03
N GLN A 7 0.78 -5.76 -4.18
CA GLN A 7 0.99 -7.20 -4.38
C GLN A 7 0.27 -7.70 -5.64
N LYS A 8 -0.92 -7.16 -5.93
CA LYS A 8 -1.59 -7.50 -7.17
C LYS A 8 -0.81 -7.03 -8.38
N LEU A 9 -0.26 -5.81 -8.32
CA LEU A 9 0.55 -5.32 -9.44
C LEU A 9 1.80 -6.16 -9.63
N ALA A 10 2.42 -6.61 -8.52
CA ALA A 10 3.58 -7.48 -8.63
C ALA A 10 3.22 -8.81 -9.28
N ALA A 11 2.04 -9.36 -8.96
CA ALA A 11 1.60 -10.61 -9.58
C ALA A 11 1.35 -10.42 -11.07
N LEU A 12 0.69 -9.32 -11.43
CA LEU A 12 0.51 -8.99 -12.84
C LEU A 12 1.85 -8.91 -13.55
N GLU A 13 2.80 -8.18 -12.94
CA GLU A 13 4.10 -8.01 -13.57
C GLU A 13 4.80 -9.35 -13.73
N LYS A 14 4.77 -10.19 -12.69
CA LYS A 14 5.43 -11.48 -12.78
C LYS A 14 4.88 -12.31 -13.93
N SER A 15 3.55 -12.34 -14.09
CA SER A 15 2.94 -13.13 -15.16
C SER A 15 3.28 -12.59 -16.53
N SER A 16 3.55 -11.29 -16.62
CA SER A 16 3.77 -10.62 -17.89
C SER A 16 5.18 -10.82 -18.42
N GLY A 17 6.14 -11.16 -17.57
CA GLY A 17 7.51 -11.28 -17.98
C GLY A 17 8.29 -9.99 -18.09
N GLY A 18 7.64 -8.83 -17.98
CA GLY A 18 8.28 -7.55 -18.19
C GLY A 18 8.46 -6.77 -16.90
N ARG A 19 8.64 -5.47 -17.05
CA ARG A 19 8.85 -4.56 -15.94
C ARG A 19 7.77 -3.48 -16.02
N LEU A 20 6.99 -3.36 -14.95
CA LEU A 20 5.80 -2.52 -14.90
C LEU A 20 6.04 -1.38 -13.90
N GLY A 21 5.65 -0.16 -14.30
CA GLY A 21 5.74 0.99 -13.42
C GLY A 21 4.41 1.69 -13.36
N VAL A 22 3.92 2.00 -12.16
CA VAL A 22 2.59 2.59 -11.98
C VAL A 22 2.71 3.74 -11.00
N ALA A 23 2.03 4.85 -11.30
CA ALA A 23 1.82 5.91 -10.31
C ALA A 23 0.40 6.43 -10.45
N LEU A 24 -0.34 6.39 -9.36
CA LEU A 24 -1.66 6.97 -9.23
C LEU A 24 -1.59 8.16 -8.27
N ILE A 25 -2.24 9.26 -8.65
CA ILE A 25 -2.58 10.32 -7.70
C ILE A 25 -4.09 10.42 -7.68
N ASP A 26 -4.67 10.26 -6.50
CA ASP A 26 -6.11 10.47 -6.30
C ASP A 26 -6.27 11.89 -5.79
N THR A 27 -6.81 12.79 -6.61
N THR A 27 -6.86 12.78 -6.60
CA THR A 27 -6.84 14.20 -6.21
CA THR A 27 -7.10 14.14 -6.14
C THR A 27 -7.92 14.50 -5.18
C THR A 27 -8.28 14.26 -5.17
N ALA A 28 -8.80 13.54 -4.89
N ALA A 28 -8.90 13.14 -4.78
CA ALA A 28 -9.74 13.71 -3.78
CA ALA A 28 -9.89 13.19 -3.72
C ALA A 28 -9.00 13.93 -2.47
C ALA A 28 -9.24 13.42 -2.36
N ASP A 29 -7.95 13.13 -2.23
CA ASP A 29 -7.22 13.21 -0.96
C ASP A 29 -5.71 13.41 -1.17
N ASN A 30 -5.25 13.53 -2.42
CA ASN A 30 -3.84 13.67 -2.78
C ASN A 30 -3.00 12.46 -2.46
N THR A 31 -3.62 11.32 -2.17
CA THR A 31 -2.81 10.14 -1.88
C THR A 31 -2.27 9.53 -3.18
N GLN A 32 -1.21 8.76 -3.03
CA GLN A 32 -0.49 8.18 -4.14
C GLN A 32 -0.35 6.69 -3.94
N VAL A 33 -0.45 5.95 -5.04
CA VAL A 33 -0.12 4.53 -5.08
C VAL A 33 0.96 4.37 -6.14
N LEU A 34 2.07 3.74 -5.77
N LEU A 34 2.06 3.72 -5.76
CA LEU A 34 3.20 3.63 -6.69
CA LEU A 34 3.23 3.59 -6.61
C LEU A 34 3.76 2.21 -6.71
C LEU A 34 3.59 2.11 -6.74
N TYR A 35 4.09 1.75 -7.91
CA TYR A 35 4.73 0.47 -8.10
C TYR A 35 5.93 0.75 -8.99
N ARG A 36 7.13 0.46 -8.51
CA ARG A 36 8.36 0.89 -9.19
C ARG A 36 8.30 2.38 -9.53
N GLY A 37 7.74 3.16 -8.59
CA GLY A 37 7.41 4.54 -8.89
C GLY A 37 8.61 5.43 -9.10
N ASP A 38 9.78 5.03 -8.58
CA ASP A 38 11.00 5.80 -8.72
C ASP A 38 12.02 5.14 -9.65
N GLU A 39 11.61 4.12 -10.41
CA GLU A 39 12.48 3.57 -11.44
C GLU A 39 12.24 4.31 -12.75
N ARG A 40 13.29 4.40 -13.57
CA ARG A 40 13.18 5.05 -14.87
C ARG A 40 12.64 4.11 -15.93
N PHE A 41 11.81 4.65 -16.81
CA PHE A 41 11.21 3.96 -17.94
C PHE A 41 11.33 4.84 -19.17
N PRO A 42 11.48 4.24 -20.36
CA PRO A 42 11.41 5.04 -21.60
C PRO A 42 10.00 5.60 -21.78
N MET A 43 9.92 6.91 -21.99
CA MET A 43 8.60 7.55 -22.11
C MET A 43 7.92 7.25 -23.43
N CYS A 44 8.70 7.09 -24.51
CA CYS A 44 8.18 7.02 -25.87
C CYS A 44 7.22 8.18 -26.06
N SER A 45 6.08 7.96 -26.74
CA SER A 45 5.22 9.07 -27.13
C SER A 45 4.46 9.72 -25.97
N THR A 46 4.52 9.17 -24.75
CA THR A 46 3.96 9.92 -23.64
C THR A 46 4.69 11.25 -23.44
N SER A 47 5.93 11.37 -23.96
CA SER A 47 6.67 12.63 -23.94
C SER A 47 6.00 13.71 -24.78
N LYS A 48 5.12 13.34 -25.70
CA LYS A 48 4.46 14.36 -26.53
C LYS A 48 3.61 15.30 -25.67
N VAL A 49 3.12 14.84 -24.51
CA VAL A 49 2.39 15.73 -23.62
C VAL A 49 3.28 16.88 -23.15
N MET A 50 4.53 16.58 -22.79
CA MET A 50 5.41 17.64 -22.29
C MET A 50 5.72 18.65 -23.39
N ALA A 51 5.93 18.17 -24.62
CA ALA A 51 6.24 19.05 -25.73
C ALA A 51 5.04 19.96 -26.06
N ALA A 52 3.86 19.37 -26.15
CA ALA A 52 2.67 20.17 -26.43
C ALA A 52 2.44 21.18 -25.32
N ALA A 53 2.61 20.76 -24.06
CA ALA A 53 2.43 21.68 -22.93
C ALA A 53 3.44 22.82 -22.97
N ALA A 54 4.69 22.53 -23.36
CA ALA A 54 5.69 23.59 -23.42
C ALA A 54 5.30 24.64 -24.44
N VAL A 55 4.76 24.21 -25.59
CA VAL A 55 4.28 25.15 -26.61
C VAL A 55 3.06 25.93 -26.11
N LEU A 56 2.14 25.26 -25.41
CA LEU A 56 1.04 25.99 -24.78
C LEU A 56 1.55 27.07 -23.83
N LYS A 57 2.61 26.76 -23.05
CA LYS A 57 3.17 27.77 -22.16
C LYS A 57 3.71 28.96 -22.94
N GLN A 58 4.45 28.71 -24.03
CA GLN A 58 4.92 29.80 -24.88
C GLN A 58 3.77 30.63 -25.40
N SER A 59 2.65 29.99 -25.75
CA SER A 59 1.50 30.70 -26.29
C SER A 59 0.83 31.64 -25.29
N GLU A 60 1.13 31.50 -23.99
CA GLU A 60 0.54 32.41 -22.99
C GLU A 60 1.01 33.83 -23.18
N THR A 61 2.19 34.04 -23.74
CA THR A 61 2.69 35.38 -24.01
C THR A 61 2.66 35.72 -25.50
N GLN A 62 2.13 34.84 -26.35
CA GLN A 62 1.99 35.11 -27.79
C GLN A 62 0.63 34.63 -28.25
N LYS A 63 -0.33 35.55 -28.33
CA LYS A 63 -1.72 35.20 -28.64
C LYS A 63 -1.87 34.51 -29.98
N GLN A 64 -0.98 34.77 -30.94
CA GLN A 64 -1.09 34.20 -32.27
C GLN A 64 -0.19 32.99 -32.48
N LEU A 65 0.55 32.56 -31.46
CA LEU A 65 1.52 31.49 -31.66
C LEU A 65 0.86 30.21 -32.18
N LEU A 66 -0.29 29.84 -31.63
CA LEU A 66 -0.90 28.57 -32.05
C LEU A 66 -1.39 28.63 -33.49
N ASN A 67 -1.54 29.82 -34.07
N ASN A 67 -1.57 29.82 -34.04
CA ASN A 67 -2.00 29.97 -35.46
CA ASN A 67 -1.87 29.99 -35.46
C ASN A 67 -0.87 30.21 -36.45
C ASN A 67 -0.62 30.05 -36.33
N GLN A 68 0.38 30.17 -35.98
N GLN A 68 0.56 29.98 -35.72
CA GLN A 68 1.54 30.43 -36.83
CA GLN A 68 1.80 30.20 -36.47
C GLN A 68 1.74 29.25 -37.79
C GLN A 68 2.07 29.03 -37.40
N PRO A 69 1.83 29.49 -39.10
N PRO A 69 2.31 29.27 -38.69
CA PRO A 69 2.09 28.38 -40.02
CA PRO A 69 2.55 28.17 -39.62
C PRO A 69 3.53 27.89 -39.95
C PRO A 69 3.95 27.60 -39.46
N VAL A 70 3.69 26.57 -39.97
N VAL A 70 4.07 26.30 -39.74
CA VAL A 70 4.99 25.90 -39.91
CA VAL A 70 5.33 25.58 -39.76
C VAL A 70 5.11 25.02 -41.15
C VAL A 70 5.38 24.82 -41.09
N GLU A 71 6.23 25.16 -41.87
N GLU A 71 6.42 25.08 -41.88
CA GLU A 71 6.41 24.42 -43.11
CA GLU A 71 6.54 24.41 -43.17
C GLU A 71 6.67 22.94 -42.85
C GLU A 71 6.80 22.93 -42.96
N ILE A 72 6.03 22.10 -43.66
CA ILE A 72 6.24 20.65 -43.66
C ILE A 72 6.88 20.32 -45.00
N LYS A 73 8.11 19.85 -45.00
CA LYS A 73 8.80 19.47 -46.22
C LYS A 73 8.87 17.96 -46.36
N PRO A 74 9.04 17.44 -47.59
CA PRO A 74 9.16 15.99 -47.74
C PRO A 74 10.22 15.38 -46.84
N ALA A 75 11.35 16.08 -46.66
CA ALA A 75 12.42 15.54 -45.84
C ALA A 75 12.05 15.48 -44.35
N ASP A 76 11.00 16.19 -43.93
CA ASP A 76 10.60 16.16 -42.53
C ASP A 76 9.87 14.89 -42.14
N LEU A 77 9.31 14.15 -43.10
CA LEU A 77 8.50 13.00 -42.73
C LEU A 77 9.40 11.93 -42.14
N VAL A 78 8.97 11.36 -41.02
CA VAL A 78 9.68 10.25 -40.41
C VAL A 78 8.85 8.99 -40.57
N ASN A 79 8.62 8.23 -39.49
CA ASN A 79 8.13 6.87 -39.60
C ASN A 79 6.65 6.69 -39.26
N TYR A 80 5.95 7.75 -38.86
CA TYR A 80 4.53 7.64 -38.54
C TYR A 80 3.97 9.06 -38.61
N ASN A 81 3.36 9.40 -39.73
CA ASN A 81 3.03 10.78 -40.02
C ASN A 81 1.62 10.89 -40.58
N PRO A 82 0.62 10.30 -39.93
CA PRO A 82 -0.71 10.23 -40.54
C PRO A 82 -1.29 11.59 -40.87
N ILE A 83 -0.96 12.61 -40.09
CA ILE A 83 -1.48 13.96 -40.36
C ILE A 83 -0.49 14.78 -41.17
N ALA A 84 0.79 14.77 -40.77
CA ALA A 84 1.75 15.65 -41.44
C ALA A 84 1.93 15.32 -42.91
N GLU A 85 1.78 14.04 -43.29
CA GLU A 85 2.01 13.70 -44.70
C GLU A 85 0.98 14.36 -45.61
N LYS A 86 -0.21 14.68 -45.09
CA LYS A 86 -1.21 15.37 -45.89
C LYS A 86 -0.85 16.82 -46.15
N HIS A 87 0.15 17.37 -45.45
N HIS A 87 0.15 17.35 -45.42
CA HIS A 87 0.50 18.77 -45.55
CA HIS A 87 0.53 18.76 -45.47
C HIS A 87 1.94 18.99 -46.00
C HIS A 87 1.90 18.99 -46.07
N VAL A 88 2.56 17.96 -46.61
CA VAL A 88 3.89 18.12 -47.17
CA VAL A 88 3.90 18.16 -47.15
C VAL A 88 3.84 19.17 -48.28
N ASN A 89 4.86 20.02 -48.34
CA ASN A 89 4.94 21.17 -49.23
C ASN A 89 3.92 22.23 -48.88
N GLY A 90 3.26 22.11 -47.75
CA GLY A 90 2.36 23.11 -47.21
C GLY A 90 2.77 23.44 -45.79
N THR A 91 1.77 23.84 -45.00
CA THR A 91 2.05 24.23 -43.63
C THR A 91 1.03 23.61 -42.68
N MET A 92 1.42 23.53 -41.41
CA MET A 92 0.50 23.24 -40.31
C MET A 92 0.75 24.26 -39.23
N THR A 93 -0.31 24.67 -38.54
CA THR A 93 -0.10 25.59 -37.43
C THR A 93 0.39 24.82 -36.20
N LEU A 94 0.89 25.56 -35.21
CA LEU A 94 1.33 24.91 -33.99
C LEU A 94 0.17 24.24 -33.25
N ALA A 95 -1.04 24.80 -33.34
CA ALA A 95 -2.22 24.10 -32.81
C ALA A 95 -2.43 22.77 -33.55
N GLU A 96 -2.38 22.82 -34.89
CA GLU A 96 -2.57 21.59 -35.65
C GLU A 96 -1.49 20.56 -35.34
N LEU A 97 -0.24 21.02 -35.18
CA LEU A 97 0.84 20.09 -34.84
C LEU A 97 0.62 19.50 -33.46
N SER A 98 0.18 20.32 -32.51
CA SER A 98 -0.08 19.83 -31.16
C SER A 98 -1.18 18.78 -31.17
N ALA A 99 -2.29 19.09 -31.85
CA ALA A 99 -3.40 18.15 -31.93
C ALA A 99 -2.98 16.86 -32.62
N ALA A 100 -2.19 16.98 -33.70
CA ALA A 100 -1.75 15.76 -34.40
C ALA A 100 -0.83 14.93 -33.53
N ALA A 101 0.14 15.58 -32.86
CA ALA A 101 1.03 14.85 -31.95
C ALA A 101 0.24 14.16 -30.85
N LEU A 102 -0.73 14.86 -30.24
CA LEU A 102 -1.38 14.30 -29.06
C LEU A 102 -2.44 13.28 -29.44
N GLN A 103 -3.26 13.59 -30.44
CA GLN A 103 -4.46 12.78 -30.68
C GLN A 103 -4.24 11.67 -31.68
N TYR A 104 -3.23 11.82 -32.56
CA TYR A 104 -2.89 10.80 -33.55
C TYR A 104 -1.50 10.24 -33.35
N SER A 105 -0.74 10.79 -32.44
CA SER A 105 0.61 10.34 -32.15
C SER A 105 1.54 10.51 -33.35
N ASP A 106 1.35 11.58 -34.09
CA ASP A 106 2.14 11.86 -35.29
C ASP A 106 3.57 12.27 -34.90
N ASN A 107 4.57 11.53 -35.41
CA ASN A 107 5.96 11.78 -35.04
C ASN A 107 6.55 13.00 -35.74
N THR A 108 6.14 13.27 -36.98
CA THR A 108 6.59 14.50 -37.62
C THR A 108 6.08 15.71 -36.85
N ALA A 109 4.80 15.68 -36.42
CA ALA A 109 4.27 16.78 -35.63
C ALA A 109 5.06 16.97 -34.35
N MET A 110 5.37 15.88 -33.65
CA MET A 110 6.21 15.98 -32.46
C MET A 110 7.53 16.67 -32.77
N ASN A 111 8.19 16.29 -33.87
CA ASN A 111 9.48 16.92 -34.18
C ASN A 111 9.34 18.43 -34.40
N LYS A 112 8.23 18.88 -34.98
CA LYS A 112 8.04 20.33 -35.11
C LYS A 112 7.83 20.99 -33.75
N LEU A 113 7.16 20.31 -32.80
CA LEU A 113 7.05 20.87 -31.47
C LEU A 113 8.41 20.97 -30.81
N ILE A 114 9.22 19.91 -30.92
CA ILE A 114 10.56 19.93 -30.35
C ILE A 114 11.37 21.07 -30.98
N ALA A 115 11.28 21.24 -32.30
CA ALA A 115 12.07 22.30 -32.94
C ALA A 115 11.64 23.68 -32.47
N GLN A 116 10.33 23.87 -32.27
CA GLN A 116 9.82 25.14 -31.80
C GLN A 116 10.38 25.48 -30.43
N LEU A 117 10.69 24.47 -29.62
CA LEU A 117 11.27 24.65 -28.29
C LEU A 117 12.79 24.64 -28.31
N GLY A 118 13.42 24.58 -29.47
CA GLY A 118 14.87 24.65 -29.56
C GLY A 118 15.58 23.33 -29.40
N GLY A 119 14.90 22.21 -29.59
CA GLY A 119 15.51 20.91 -29.46
C GLY A 119 15.02 20.17 -28.23
N PRO A 120 15.42 18.91 -28.09
CA PRO A 120 14.95 18.10 -26.94
C PRO A 120 15.20 18.77 -25.60
N GLY A 121 16.35 19.43 -25.44
CA GLY A 121 16.66 20.13 -24.19
C GLY A 121 15.72 21.26 -23.85
N GLY A 122 15.06 21.86 -24.86
CA GLY A 122 14.03 22.84 -24.57
C GLY A 122 12.80 22.22 -23.92
N VAL A 123 12.50 20.98 -24.26
CA VAL A 123 11.40 20.29 -23.58
C VAL A 123 11.79 20.00 -22.14
N THR A 124 13.01 19.48 -21.93
CA THR A 124 13.49 19.25 -20.57
C THR A 124 13.49 20.53 -19.76
N ALA A 125 13.89 21.65 -20.37
CA ALA A 125 13.92 22.92 -19.64
C ALA A 125 12.52 23.32 -19.18
N PHE A 126 11.50 23.10 -20.01
CA PHE A 126 10.13 23.36 -19.57
C PHE A 126 9.76 22.46 -18.40
N ALA A 127 10.09 21.18 -18.48
CA ALA A 127 9.83 20.27 -17.36
C ALA A 127 10.43 20.80 -16.06
N ARG A 128 11.70 21.23 -16.11
CA ARG A 128 12.32 21.79 -14.91
C ARG A 128 11.56 23.02 -14.41
N ALA A 129 11.12 23.88 -15.34
CA ALA A 129 10.44 25.10 -14.97
C ALA A 129 9.11 24.85 -14.28
N ILE A 130 8.50 23.69 -14.49
CA ILE A 130 7.25 23.36 -13.82
C ILE A 130 7.46 22.42 -12.65
N GLY A 131 8.72 22.23 -12.23
CA GLY A 131 9.04 21.48 -11.03
C GLY A 131 9.33 20.01 -11.21
N ASP A 132 9.47 19.54 -12.43
CA ASP A 132 9.79 18.14 -12.71
C ASP A 132 11.31 18.07 -12.90
N GLU A 133 11.99 17.48 -11.92
CA GLU A 133 13.44 17.35 -11.95
C GLU A 133 13.89 16.02 -12.53
N THR A 134 12.96 15.20 -13.01
CA THR A 134 13.24 13.83 -13.39
C THR A 134 13.17 13.61 -14.90
N PHE A 135 12.13 14.16 -15.54
CA PHE A 135 11.94 14.06 -16.98
C PHE A 135 13.21 14.46 -17.73
N ARG A 136 13.56 13.72 -18.77
CA ARG A 136 14.59 14.18 -19.68
C ARG A 136 14.22 13.76 -21.10
N LEU A 137 14.27 14.70 -22.03
CA LEU A 137 14.18 14.41 -23.46
C LEU A 137 15.54 14.68 -24.07
N ASP A 138 16.08 13.69 -24.75
CA ASP A 138 17.43 13.75 -25.29
C ASP A 138 17.49 13.66 -26.80
N ARG A 139 16.47 13.10 -27.44
CA ARG A 139 16.50 12.85 -28.88
C ARG A 139 15.18 13.27 -29.48
N THR A 140 15.18 13.35 -30.82
CA THR A 140 13.97 13.61 -31.59
C THR A 140 13.29 12.29 -31.96
N GLU A 141 12.17 12.40 -32.71
CA GLU A 141 11.54 11.22 -33.31
C GLU A 141 12.29 10.81 -34.58
N PRO A 142 12.43 9.50 -34.83
CA PRO A 142 11.85 8.40 -34.07
C PRO A 142 12.78 7.78 -33.04
N THR A 143 14.04 8.21 -32.97
CA THR A 143 14.99 7.47 -32.14
C THR A 143 14.73 7.61 -30.64
N LEU A 144 13.93 8.58 -30.19
CA LEU A 144 13.62 8.64 -28.76
C LEU A 144 12.85 7.41 -28.26
N ASN A 145 12.40 6.53 -29.16
CA ASN A 145 11.67 5.32 -28.80
C ASN A 145 12.53 4.05 -28.80
N THR A 146 13.86 4.16 -28.81
CA THR A 146 14.68 2.95 -28.84
C THR A 146 14.47 2.09 -27.59
N ALA A 147 14.22 2.73 -26.44
CA ALA A 147 13.76 2.05 -25.23
C ALA A 147 14.73 0.99 -24.72
N ILE A 148 16.03 1.23 -24.87
CA ILE A 148 17.04 0.24 -24.52
C ILE A 148 17.10 0.09 -23.00
N PRO A 149 17.06 -1.13 -22.46
CA PRO A 149 17.15 -1.27 -21.00
C PRO A 149 18.41 -0.62 -20.46
N GLY A 150 18.25 0.14 -19.37
CA GLY A 150 19.34 0.82 -18.70
C GLY A 150 19.73 2.15 -19.31
N ASP A 151 19.20 2.49 -20.48
CA ASP A 151 19.55 3.76 -21.12
C ASP A 151 18.79 4.89 -20.44
N PRO A 152 19.46 5.91 -19.91
CA PRO A 152 18.72 7.01 -19.28
C PRO A 152 18.06 7.97 -20.25
N ARG A 153 18.40 7.91 -21.53
CA ARG A 153 17.88 8.91 -22.46
C ARG A 153 16.37 8.79 -22.59
N ASP A 154 15.67 9.92 -22.63
CA ASP A 154 14.24 9.93 -22.97
C ASP A 154 13.43 9.10 -21.97
N THR A 155 13.78 9.23 -20.68
CA THR A 155 13.10 8.51 -19.63
C THR A 155 12.53 9.48 -18.59
N THR A 156 11.64 8.93 -17.77
CA THR A 156 11.23 9.56 -16.52
C THR A 156 10.82 8.44 -15.56
N THR A 157 10.35 8.82 -14.38
CA THR A 157 9.78 7.83 -13.46
C THR A 157 8.25 7.97 -13.42
N PRO A 158 7.54 6.92 -13.04
CA PRO A 158 6.08 7.04 -12.89
C PRO A 158 5.68 8.13 -11.93
N ARG A 159 6.35 8.25 -10.78
CA ARG A 159 6.02 9.29 -9.81
C ARG A 159 6.12 10.67 -10.42
N ALA A 160 7.22 10.94 -11.12
CA ALA A 160 7.43 12.28 -11.66
C ALA A 160 6.41 12.59 -12.74
N MET A 161 6.10 11.61 -13.59
CA MET A 161 5.18 11.90 -14.69
C MET A 161 3.76 12.10 -14.18
N ALA A 162 3.35 11.35 -13.13
CA ALA A 162 2.01 11.55 -12.59
C ALA A 162 1.90 12.93 -11.96
N GLN A 163 2.91 13.36 -11.22
CA GLN A 163 2.87 14.69 -10.62
C GLN A 163 2.80 15.76 -11.70
N THR A 164 3.63 15.62 -12.75
CA THR A 164 3.62 16.61 -13.82
C THR A 164 2.29 16.61 -14.55
N LEU A 165 1.75 15.44 -14.88
CA LEU A 165 0.47 15.41 -15.57
C LEU A 165 -0.63 16.07 -14.74
N ARG A 166 -0.59 15.85 -13.42
CA ARG A 166 -1.53 16.53 -12.53
C ARG A 166 -1.38 18.05 -12.63
N GLN A 167 -0.15 18.55 -12.50
CA GLN A 167 0.04 20.00 -12.51
C GLN A 167 -0.38 20.61 -13.84
N LEU A 168 -0.15 19.89 -14.94
CA LEU A 168 -0.47 20.42 -16.27
C LEU A 168 -1.98 20.44 -16.52
N THR A 169 -2.69 19.41 -16.09
CA THR A 169 -4.10 19.25 -16.49
C THR A 169 -5.09 19.69 -15.43
N LEU A 170 -4.71 19.62 -14.15
CA LEU A 170 -5.61 19.95 -13.05
C LEU A 170 -5.08 21.08 -12.19
N GLY A 171 -3.78 21.31 -12.16
CA GLY A 171 -3.17 22.36 -11.40
C GLY A 171 -2.89 23.59 -12.25
N HIS A 172 -1.90 24.37 -11.82
CA HIS A 172 -1.67 25.69 -12.38
C HIS A 172 -0.34 25.83 -13.11
N ALA A 173 0.21 24.73 -13.64
CA ALA A 173 1.43 24.84 -14.44
C ALA A 173 1.19 25.64 -15.72
N LEU A 174 -0.01 25.57 -16.28
CA LEU A 174 -0.41 26.34 -17.44
C LEU A 174 -1.49 27.34 -17.04
N GLY A 175 -1.64 28.40 -17.86
CA GLY A 175 -2.79 29.28 -17.71
C GLY A 175 -4.09 28.53 -17.91
N GLU A 176 -5.19 29.11 -17.42
CA GLU A 176 -6.47 28.40 -17.43
C GLU A 176 -6.89 27.99 -18.84
N THR A 177 -6.82 28.91 -19.81
CA THR A 177 -7.23 28.54 -21.17
C THR A 177 -6.34 27.45 -21.74
N GLN A 178 -5.04 27.50 -21.43
CA GLN A 178 -4.11 26.51 -21.96
C GLN A 178 -4.34 25.14 -21.30
N ARG A 179 -4.58 25.12 -19.99
CA ARG A 179 -4.93 23.89 -19.30
C ARG A 179 -6.17 23.26 -19.92
N ALA A 180 -7.22 24.06 -20.12
CA ALA A 180 -8.43 23.56 -20.75
C ALA A 180 -8.15 22.99 -22.15
N GLN A 181 -7.31 23.68 -22.93
CA GLN A 181 -6.96 23.18 -24.27
C GLN A 181 -6.25 21.84 -24.18
N LEU A 182 -5.30 21.70 -23.24
CA LEU A 182 -4.61 20.42 -23.11
C LEU A 182 -5.59 19.31 -22.74
N VAL A 183 -6.50 19.58 -21.81
CA VAL A 183 -7.49 18.58 -21.41
C VAL A 183 -8.37 18.21 -22.59
N THR A 184 -8.86 19.20 -23.34
CA THR A 184 -9.64 18.91 -24.54
C THR A 184 -8.88 18.00 -25.49
N TRP A 185 -7.61 18.30 -25.74
CA TRP A 185 -6.82 17.47 -26.63
C TRP A 185 -6.71 16.04 -26.10
N LEU A 186 -6.37 15.88 -24.82
CA LEU A 186 -6.23 14.54 -24.25
C LEU A 186 -7.53 13.75 -24.33
N LYS A 187 -8.66 14.42 -24.05
CA LYS A 187 -9.94 13.73 -24.08
C LYS A 187 -10.33 13.29 -25.49
N GLY A 188 -9.81 13.97 -26.50
CA GLY A 188 -10.02 13.59 -27.90
C GLY A 188 -9.00 12.63 -28.46
N ASN A 189 -8.13 12.03 -27.63
CA ASN A 189 -7.16 11.06 -28.14
C ASN A 189 -7.87 9.94 -28.89
N THR A 190 -7.28 9.51 -30.02
CA THR A 190 -7.84 8.39 -30.78
C THR A 190 -7.20 7.05 -30.43
N THR A 191 -6.07 7.03 -29.74
CA THR A 191 -5.24 5.81 -29.67
C THR A 191 -5.37 5.03 -28.38
N GLY A 192 -6.24 5.42 -27.46
CA GLY A 192 -6.13 4.91 -26.10
C GLY A 192 -7.13 3.88 -25.60
N ALA A 193 -8.10 3.45 -26.42
CA ALA A 193 -9.17 2.61 -25.86
C ALA A 193 -8.71 1.26 -25.36
N ALA A 194 -7.55 0.76 -25.80
CA ALA A 194 -7.08 -0.55 -25.40
C ALA A 194 -6.14 -0.50 -24.20
N SER A 195 -5.80 0.69 -23.71
CA SER A 195 -4.77 0.86 -22.70
C SER A 195 -5.43 1.12 -21.34
N ILE A 196 -5.10 2.20 -20.62
CA ILE A 196 -5.67 2.42 -19.30
C ILE A 196 -7.20 2.32 -19.34
N ARG A 197 -7.80 2.92 -20.36
N ARG A 197 -7.82 2.95 -20.35
CA ARG A 197 -9.25 3.00 -20.47
CA ARG A 197 -9.28 2.97 -20.46
C ARG A 197 -9.93 1.63 -20.49
C ARG A 197 -9.88 1.58 -20.37
N ALA A 198 -9.22 0.61 -20.98
CA ALA A 198 -9.77 -0.74 -21.07
C ALA A 198 -9.82 -1.43 -19.71
N GLY A 199 -9.21 -0.84 -18.68
CA GLY A 199 -9.30 -1.40 -17.36
C GLY A 199 -10.25 -0.68 -16.43
N LEU A 200 -10.95 0.35 -16.90
CA LEU A 200 -11.76 1.20 -16.04
C LEU A 200 -13.25 1.02 -16.32
N PRO A 201 -14.10 1.33 -15.34
CA PRO A 201 -15.55 1.31 -15.60
C PRO A 201 -15.90 2.24 -16.77
N THR A 202 -16.90 1.84 -17.54
CA THR A 202 -17.16 2.56 -18.78
C THR A 202 -17.80 3.93 -18.53
N SER A 203 -18.37 4.15 -17.35
CA SER A 203 -18.95 5.46 -17.05
C SER A 203 -17.89 6.53 -16.81
N TRP A 204 -16.63 6.14 -16.58
CA TRP A 204 -15.58 7.09 -16.25
C TRP A 204 -15.06 7.77 -17.52
N THR A 205 -14.72 9.04 -17.41
CA THR A 205 -14.20 9.78 -18.54
C THR A 205 -12.67 9.82 -18.47
N VAL A 206 -12.02 9.66 -19.62
CA VAL A 206 -10.57 9.55 -19.69
C VAL A 206 -10.02 10.48 -20.78
N GLY A 207 -8.90 11.14 -20.46
CA GLY A 207 -8.02 11.72 -21.48
C GLY A 207 -6.66 11.09 -21.27
N ASP A 208 -6.01 10.71 -22.37
CA ASP A 208 -4.76 9.97 -22.20
C ASP A 208 -3.83 10.22 -23.37
N LYS A 209 -2.57 9.84 -23.17
CA LYS A 209 -1.58 9.81 -24.23
C LYS A 209 -0.80 8.50 -24.13
N THR A 210 -0.85 7.70 -25.20
CA THR A 210 -0.17 6.42 -25.28
C THR A 210 1.28 6.61 -25.75
N GLY A 211 2.07 5.54 -25.59
CA GLY A 211 3.39 5.49 -26.20
C GLY A 211 3.79 4.05 -26.37
N SER A 212 4.68 3.82 -27.34
CA SER A 212 5.25 2.48 -27.54
C SER A 212 6.59 2.60 -28.26
N GLY A 213 7.38 1.54 -28.14
CA GLY A 213 8.66 1.54 -28.80
C GLY A 213 9.25 0.15 -28.83
N ASP A 214 10.57 0.09 -29.03
CA ASP A 214 11.26 -1.20 -29.03
C ASP A 214 11.21 -1.81 -27.63
N TYR A 215 11.69 -3.05 -27.52
CA TYR A 215 11.63 -3.80 -26.27
C TYR A 215 10.20 -3.96 -25.78
N GLY A 216 9.25 -4.06 -26.72
CA GLY A 216 7.84 -4.22 -26.39
C GLY A 216 7.34 -3.16 -25.43
N THR A 217 7.91 -1.97 -25.49
CA THR A 217 7.56 -0.93 -24.54
C THR A 217 6.16 -0.41 -24.85
N THR A 218 5.31 -0.35 -23.83
CA THR A 218 3.89 -0.03 -23.98
C THR A 218 3.52 0.84 -22.80
N ASN A 219 3.09 2.08 -23.08
CA ASN A 219 2.90 3.10 -22.07
C ASN A 219 1.56 3.81 -22.25
N ASP A 220 1.07 4.38 -21.15
CA ASP A 220 -0.10 5.26 -21.22
C ASP A 220 -0.07 6.14 -19.99
N ILE A 221 -0.43 7.42 -20.17
CA ILE A 221 -0.60 8.35 -19.05
C ILE A 221 -1.97 9.00 -19.22
N ALA A 222 -2.72 9.09 -18.13
CA ALA A 222 -4.12 9.46 -18.23
C ALA A 222 -4.56 10.36 -17.08
N VAL A 223 -5.52 11.22 -17.39
N VAL A 223 -5.51 11.22 -17.39
CA VAL A 223 -6.32 11.92 -16.39
CA VAL A 223 -6.32 11.89 -16.38
C VAL A 223 -7.74 11.38 -16.48
C VAL A 223 -7.71 11.28 -16.49
N ILE A 224 -8.29 10.98 -15.34
CA ILE A 224 -9.50 10.16 -15.28
C ILE A 224 -10.49 10.89 -14.41
N TRP A 225 -11.74 11.01 -14.89
CA TRP A 225 -12.81 11.61 -14.11
C TRP A 225 -13.76 10.48 -13.77
N PRO A 226 -13.63 9.84 -12.62
N PRO A 226 -13.61 9.83 -12.63
CA PRO A 226 -14.60 8.80 -12.26
CA PRO A 226 -14.47 8.70 -12.29
C PRO A 226 -15.96 9.41 -12.01
C PRO A 226 -15.86 9.19 -11.95
N GLN A 227 -17.00 8.60 -12.24
N GLN A 227 -16.81 8.26 -12.02
CA GLN A 227 -18.37 9.06 -12.03
CA GLN A 227 -18.19 8.57 -11.67
C GLN A 227 -18.58 9.42 -10.57
C GLN A 227 -18.25 8.98 -10.21
N GLY A 228 -18.69 10.71 -10.29
N GLY A 228 -18.75 10.19 -9.96
CA GLY A 228 -19.09 11.18 -8.98
CA GLY A 228 -19.00 10.66 -8.61
C GLY A 228 -17.98 11.51 -8.00
C GLY A 228 -17.76 10.84 -7.74
N ARG A 229 -16.71 11.31 -8.37
N ARG A 229 -16.61 11.15 -8.34
CA ARG A 229 -15.61 11.62 -7.47
CA ARG A 229 -15.35 11.29 -7.61
C ARG A 229 -14.56 12.45 -8.17
C ARG A 229 -14.51 12.41 -8.21
N ALA A 230 -13.62 12.97 -7.37
CA ALA A 230 -12.60 13.87 -7.88
C ALA A 230 -11.68 13.12 -8.84
N PRO A 231 -11.00 13.83 -9.74
CA PRO A 231 -10.21 13.16 -10.79
C PRO A 231 -9.01 12.40 -10.23
N LEU A 232 -8.55 11.44 -11.03
CA LEU A 232 -7.33 10.68 -10.79
C LEU A 232 -6.34 10.97 -11.89
N VAL A 233 -5.05 10.84 -11.57
CA VAL A 233 -4.00 10.84 -12.57
C VAL A 233 -3.30 9.49 -12.48
N LEU A 234 -3.12 8.83 -13.63
CA LEU A 234 -2.58 7.48 -13.63
C LEU A 234 -1.53 7.33 -14.74
N VAL A 235 -0.35 6.84 -14.37
CA VAL A 235 0.72 6.54 -15.30
C VAL A 235 0.95 5.04 -15.24
N THR A 236 0.96 4.40 -16.42
CA THR A 236 1.31 2.98 -16.51
C THR A 236 2.38 2.84 -17.58
N TYR A 237 3.55 2.39 -17.17
CA TYR A 237 4.70 2.19 -18.06
C TYR A 237 5.07 0.70 -18.03
N PHE A 238 5.40 0.13 -19.20
CA PHE A 238 5.73 -1.28 -19.28
C PHE A 238 6.81 -1.51 -20.33
N THR A 239 7.82 -2.30 -20.00
CA THR A 239 8.90 -2.58 -20.93
C THR A 239 9.41 -4.00 -20.70
N GLN A 240 9.96 -4.60 -21.75
CA GLN A 240 10.24 -6.03 -21.76
C GLN A 240 11.69 -6.31 -22.11
N PRO A 241 12.22 -7.47 -21.72
CA PRO A 241 13.66 -7.69 -21.87
C PRO A 241 14.16 -7.95 -23.28
N GLN A 242 13.31 -8.36 -24.21
CA GLN A 242 13.79 -8.66 -25.55
C GLN A 242 13.38 -7.60 -26.56
N GLN A 243 14.34 -7.27 -27.43
CA GLN A 243 14.12 -6.21 -28.39
C GLN A 243 12.80 -6.39 -29.13
N ASN A 244 12.54 -7.60 -29.63
CA ASN A 244 11.43 -7.84 -30.56
C ASN A 244 10.10 -8.15 -29.86
N ALA A 245 9.97 -7.84 -28.57
CA ALA A 245 8.76 -8.21 -27.86
C ALA A 245 7.55 -7.48 -28.41
N GLU A 246 6.40 -8.15 -28.35
CA GLU A 246 5.15 -7.58 -28.79
C GLU A 246 4.61 -6.57 -27.78
N SER A 247 3.85 -5.61 -28.30
CA SER A 247 3.11 -4.65 -27.48
C SER A 247 2.14 -5.35 -26.54
N ARG A 248 1.96 -4.81 -25.34
CA ARG A 248 1.10 -5.41 -24.31
C ARG A 248 0.18 -4.36 -23.70
N ARG A 249 -0.72 -3.78 -24.51
CA ARG A 249 -1.65 -2.81 -23.96
C ARG A 249 -2.55 -3.44 -22.90
N ASP A 250 -2.78 -4.75 -22.98
CA ASP A 250 -3.62 -5.42 -22.00
C ASP A 250 -3.01 -5.35 -20.61
N VAL A 251 -1.67 -5.31 -20.51
CA VAL A 251 -1.05 -5.21 -19.21
C VAL A 251 -1.36 -3.85 -18.57
N LEU A 252 -1.37 -2.79 -19.39
CA LEU A 252 -1.74 -1.47 -18.88
C LEU A 252 -3.19 -1.45 -18.41
N ALA A 253 -4.10 -2.03 -19.22
CA ALA A 253 -5.47 -2.15 -18.80
C ALA A 253 -5.57 -2.92 -17.48
N SER A 254 -4.79 -4.00 -17.33
CA SER A 254 -4.89 -4.82 -16.12
C SER A 254 -4.39 -4.02 -14.91
N ALA A 255 -3.34 -3.22 -15.10
CA ALA A 255 -2.85 -2.38 -14.02
C ALA A 255 -3.91 -1.35 -13.62
N ALA A 256 -4.56 -0.75 -14.61
CA ALA A 256 -5.61 0.23 -14.33
C ALA A 256 -6.78 -0.41 -13.59
N ARG A 257 -7.13 -1.65 -13.96
CA ARG A 257 -8.21 -2.33 -13.29
C ARG A 257 -7.90 -2.62 -11.82
N ILE A 258 -6.66 -3.03 -11.54
CA ILE A 258 -6.24 -3.25 -10.16
C ILE A 258 -6.31 -1.94 -9.39
N ILE A 259 -5.82 -0.84 -9.99
CA ILE A 259 -5.86 0.47 -9.34
C ILE A 259 -7.31 0.86 -9.02
N ALA A 260 -8.21 0.71 -10.00
CA ALA A 260 -9.60 1.10 -9.78
C ALA A 260 -10.25 0.26 -8.69
N GLU A 261 -9.93 -1.03 -8.65
CA GLU A 261 -10.50 -1.91 -7.63
C GLU A 261 -10.01 -1.54 -6.24
N GLY A 262 -8.82 -0.94 -6.14
CA GLY A 262 -8.28 -0.57 -4.84
C GLY A 262 -8.77 0.76 -4.29
N LEU A 263 -9.51 1.52 -5.08
CA LEU A 263 -10.03 2.82 -4.65
C LEU A 263 -11.11 2.66 -3.61
N ALA B 4 -11.50 11.85 33.91
CA ALA B 4 -10.39 11.44 34.77
C ALA B 4 -9.45 10.50 34.01
N VAL B 5 -9.93 9.29 33.73
N VAL B 5 -9.92 9.29 33.73
CA VAL B 5 -9.10 8.28 33.08
CA VAL B 5 -9.07 8.29 33.08
C VAL B 5 -8.66 8.75 31.70
C VAL B 5 -8.65 8.76 31.70
N GLN B 6 -9.54 9.43 30.97
CA GLN B 6 -9.21 9.92 29.64
C GLN B 6 -8.08 10.94 29.69
N GLN B 7 -8.18 11.92 30.60
CA GLN B 7 -7.10 12.88 30.77
C GLN B 7 -5.79 12.18 31.08
N LYS B 8 -5.83 11.17 31.95
N LYS B 8 -5.84 11.17 31.96
CA LYS B 8 -4.61 10.52 32.39
CA LYS B 8 -4.61 10.52 32.39
C LYS B 8 -3.97 9.69 31.26
C LYS B 8 -3.98 9.70 31.26
N LEU B 9 -4.78 9.01 30.47
CA LEU B 9 -4.24 8.24 29.36
C LEU B 9 -3.64 9.15 28.28
N ALA B 10 -4.33 10.25 27.95
CA ALA B 10 -3.79 11.18 26.98
C ALA B 10 -2.47 11.79 27.45
N ALA B 11 -2.38 12.10 28.74
CA ALA B 11 -1.13 12.67 29.27
C ALA B 11 -0.01 11.64 29.25
N LEU B 12 -0.32 10.39 29.60
CA LEU B 12 0.70 9.35 29.50
C LEU B 12 1.20 9.24 28.06
N GLU B 13 0.27 9.20 27.10
CA GLU B 13 0.65 9.11 25.70
C GLU B 13 1.54 10.29 25.28
N LYS B 14 1.12 11.52 25.61
CA LYS B 14 1.93 12.67 25.23
C LYS B 14 3.32 12.59 25.84
N SER B 15 3.41 12.18 27.10
CA SER B 15 4.71 12.07 27.76
C SER B 15 5.57 11.01 27.08
N SER B 16 4.95 9.92 26.61
CA SER B 16 5.68 8.83 25.98
C SER B 16 6.19 9.18 24.60
N GLY B 17 5.60 10.16 23.94
CA GLY B 17 5.97 10.48 22.58
C GLY B 17 5.40 9.58 21.51
N GLY B 18 4.64 8.53 21.88
CA GLY B 18 4.15 7.60 20.89
C GLY B 18 2.65 7.59 20.73
N ARG B 19 2.11 6.45 20.31
CA ARG B 19 0.68 6.27 20.07
C ARG B 19 0.21 5.08 20.90
N LEU B 20 -0.74 5.35 21.80
CA LEU B 20 -1.19 4.39 22.80
C LEU B 20 -2.63 3.97 22.50
N GLY B 21 -2.90 2.66 22.57
CA GLY B 21 -4.24 2.13 22.40
C GLY B 21 -4.61 1.26 23.59
N VAL B 22 -5.75 1.55 24.21
CA VAL B 22 -6.19 0.83 25.40
C VAL B 22 -7.64 0.41 25.20
N ALA B 23 -7.95 -0.82 25.58
CA ALA B 23 -9.34 -1.24 25.68
C ALA B 23 -9.50 -2.12 26.91
N LEU B 24 -10.35 -1.70 27.82
CA LEU B 24 -10.71 -2.47 29.00
C LEU B 24 -12.15 -2.94 28.86
N ILE B 25 -12.41 -4.21 29.22
CA ILE B 25 -13.76 -4.67 29.51
C ILE B 25 -13.77 -5.12 30.96
N ASP B 26 -14.61 -4.49 31.76
CA ASP B 26 -14.82 -4.95 33.14
C ASP B 26 -16.03 -5.87 33.10
N THR B 27 -15.81 -7.18 33.23
N THR B 27 -15.82 -7.17 33.31
CA THR B 27 -16.90 -8.12 33.07
CA THR B 27 -16.98 -8.06 33.31
C THR B 27 -17.89 -8.13 34.23
C THR B 27 -17.82 -7.97 34.58
N ALA B 28 -17.61 -7.40 35.32
N ALA B 28 -17.47 -7.12 35.56
CA ALA B 28 -18.60 -7.31 36.40
CA ALA B 28 -18.36 -6.92 36.69
C ALA B 28 -19.89 -6.68 35.92
C ALA B 28 -19.62 -6.20 36.28
N ASP B 29 -19.78 -5.60 35.14
N ASP B 29 -19.51 -5.27 35.33
CA ASP B 29 -20.93 -4.84 34.69
CA ASP B 29 -20.62 -4.41 34.92
C ASP B 29 -20.87 -4.47 33.22
C ASP B 29 -20.64 -4.18 33.42
N ASN B 30 -19.87 -4.96 32.49
N ASN B 30 -19.82 -4.90 32.66
CA ASN B 30 -19.67 -4.71 31.06
CA ASN B 30 -19.69 -4.71 31.20
C ASN B 30 -19.19 -3.30 30.74
C ASN B 30 -19.41 -3.25 30.84
N THR B 31 -18.73 -2.54 31.73
CA THR B 31 -18.22 -1.22 31.41
C THR B 31 -16.90 -1.35 30.62
N GLN B 32 -16.62 -0.30 29.86
CA GLN B 32 -15.45 -0.28 29.00
C GLN B 32 -14.76 1.05 29.15
N VAL B 33 -13.44 1.01 29.02
CA VAL B 33 -12.63 2.20 28.88
C VAL B 33 -11.84 2.02 27.60
N LEU B 34 -11.89 3.02 26.73
CA LEU B 34 -11.25 2.93 25.43
C LEU B 34 -10.42 4.17 25.23
N TYR B 35 -9.24 3.98 24.65
CA TYR B 35 -8.39 5.09 24.24
C TYR B 35 -7.78 4.68 22.91
N ARG B 36 -8.11 5.41 21.84
CA ARG B 36 -7.79 4.96 20.49
C ARG B 36 -8.27 3.53 20.27
N GLY B 37 -9.44 3.21 20.84
CA GLY B 37 -9.93 1.86 20.83
C GLY B 37 -10.26 1.32 19.46
N ASP B 38 -10.48 2.20 18.47
CA ASP B 38 -10.84 1.78 17.13
C ASP B 38 -9.73 2.03 16.12
N GLU B 39 -8.54 2.43 16.55
CA GLU B 39 -7.41 2.54 15.65
C GLU B 39 -6.70 1.20 15.53
N ARG B 40 -6.17 0.94 14.34
CA ARG B 40 -5.36 -0.25 14.15
C ARG B 40 -3.95 -0.08 14.72
N PHE B 41 -3.45 -1.14 15.31
CA PHE B 41 -2.09 -1.21 15.83
C PHE B 41 -1.49 -2.54 15.38
N PRO B 42 -0.18 -2.58 15.13
CA PRO B 42 0.49 -3.86 14.87
C PRO B 42 0.40 -4.74 16.10
N MET B 43 -0.13 -5.97 15.91
CA MET B 43 -0.31 -6.88 17.03
C MET B 43 1.01 -7.46 17.55
N CYS B 44 1.97 -7.65 16.65
CA CYS B 44 3.18 -8.41 16.95
C CYS B 44 2.80 -9.72 17.63
N SER B 45 3.53 -10.14 18.67
CA SER B 45 3.32 -11.48 19.21
C SER B 45 2.03 -11.64 19.99
N THR B 46 1.27 -10.57 20.24
CA THR B 46 -0.07 -10.78 20.78
C THR B 46 -0.94 -11.60 19.83
N SER B 47 -0.59 -11.63 18.53
CA SER B 47 -1.31 -12.48 17.58
C SER B 47 -1.13 -13.96 17.88
N LYS B 48 -0.10 -14.33 18.65
CA LYS B 48 0.09 -15.75 18.97
C LYS B 48 -1.11 -16.31 19.73
N VAL B 49 -1.86 -15.47 20.45
CA VAL B 49 -3.06 -15.96 21.13
C VAL B 49 -4.08 -16.46 20.11
N MET B 50 -4.27 -15.73 19.03
CA MET B 50 -5.24 -16.15 18.03
C MET B 50 -4.83 -17.46 17.34
N ALA B 51 -3.53 -17.60 17.04
CA ALA B 51 -3.08 -18.83 16.39
C ALA B 51 -3.24 -20.04 17.31
N ALA B 52 -2.81 -19.90 18.58
CA ALA B 52 -2.96 -21.02 19.51
C ALA B 52 -4.43 -21.36 19.70
N ALA B 53 -5.29 -20.34 19.84
CA ALA B 53 -6.71 -20.58 20.00
C ALA B 53 -7.31 -21.29 18.78
N ALA B 54 -6.84 -20.94 17.58
CA ALA B 54 -7.34 -21.57 16.37
C ALA B 54 -6.98 -23.05 16.35
N VAL B 55 -5.76 -23.40 16.79
CA VAL B 55 -5.37 -24.80 16.89
C VAL B 55 -6.18 -25.51 17.97
N LEU B 56 -6.44 -24.83 19.10
CA LEU B 56 -7.32 -25.41 20.12
C LEU B 56 -8.69 -25.72 19.53
N LYS B 57 -9.25 -24.79 18.74
CA LYS B 57 -10.54 -25.05 18.12
C LYS B 57 -10.46 -26.27 17.21
N GLN B 58 -9.38 -26.38 16.42
CA GLN B 58 -9.24 -27.56 15.57
C GLN B 58 -9.24 -28.84 16.39
N SER B 59 -8.61 -28.83 17.56
CA SER B 59 -8.50 -30.03 18.39
C SER B 59 -9.83 -30.43 19.01
N GLU B 60 -10.88 -29.59 18.93
CA GLU B 60 -12.20 -30.00 19.38
C GLU B 60 -12.79 -31.10 18.49
N THR B 61 -12.36 -31.19 17.22
CA THR B 61 -12.87 -32.23 16.31
C THR B 61 -11.80 -33.19 15.81
N GLN B 62 -10.54 -32.77 15.71
CA GLN B 62 -9.39 -33.67 15.50
C GLN B 62 -8.87 -33.97 16.91
N LYS B 63 -9.38 -35.03 17.52
CA LYS B 63 -9.27 -35.19 18.96
CA LYS B 63 -9.27 -35.20 18.96
C LYS B 63 -7.84 -35.45 19.44
N GLN B 64 -6.96 -35.99 18.59
N GLN B 64 -6.96 -36.00 18.59
CA GLN B 64 -5.58 -36.25 18.97
CA GLN B 64 -5.58 -36.26 18.95
C GLN B 64 -4.62 -35.20 18.42
C GLN B 64 -4.62 -35.22 18.37
N LEU B 65 -5.14 -34.09 17.90
CA LEU B 65 -4.32 -33.14 17.18
C LEU B 65 -3.21 -32.57 18.06
N LEU B 66 -3.50 -32.24 19.31
CA LEU B 66 -2.49 -31.59 20.13
C LEU B 66 -1.29 -32.48 20.40
N ASN B 67 -1.43 -33.79 20.23
CA ASN B 67 -0.28 -34.66 20.44
C ASN B 67 0.43 -35.06 19.15
N GLN B 68 0.01 -34.50 18.02
CA GLN B 68 0.64 -34.80 16.73
C GLN B 68 2.07 -34.27 16.71
N PRO B 69 3.06 -35.10 16.37
CA PRO B 69 4.43 -34.58 16.26
C PRO B 69 4.57 -33.72 15.01
N VAL B 70 5.35 -32.66 15.13
CA VAL B 70 5.67 -31.77 14.03
C VAL B 70 7.18 -31.67 13.93
N GLU B 71 7.72 -31.89 12.72
CA GLU B 71 9.16 -31.80 12.51
C GLU B 71 9.67 -30.37 12.70
N ILE B 72 10.80 -30.25 13.39
CA ILE B 72 11.54 -29.00 13.49
C ILE B 72 12.85 -29.21 12.73
N LYS B 73 13.01 -28.52 11.61
CA LYS B 73 14.23 -28.64 10.83
C LYS B 73 15.13 -27.42 11.06
N PRO B 74 16.44 -27.58 10.86
CA PRO B 74 17.34 -26.41 10.97
C PRO B 74 16.86 -25.19 10.20
N ALA B 75 16.38 -25.40 8.98
CA ALA B 75 15.93 -24.30 8.13
C ALA B 75 14.66 -23.63 8.66
N ASP B 76 13.95 -24.25 9.60
CA ASP B 76 12.75 -23.65 10.16
C ASP B 76 13.06 -22.58 11.21
N LEU B 77 14.25 -22.59 11.79
CA LEU B 77 14.53 -21.65 12.87
C LEU B 77 14.55 -20.23 12.32
N VAL B 78 13.89 -19.32 13.02
CA VAL B 78 13.93 -17.92 12.63
C VAL B 78 14.74 -17.13 13.66
N ASN B 79 14.22 -15.99 14.12
CA ASN B 79 15.03 -15.04 14.89
C ASN B 79 14.87 -15.14 16.41
N TYR B 80 13.99 -16.01 16.93
CA TYR B 80 13.83 -16.11 18.38
C TYR B 80 13.18 -17.46 18.65
N ASN B 81 14.00 -18.43 19.04
CA ASN B 81 13.59 -19.83 19.06
C ASN B 81 14.01 -20.51 20.35
N PRO B 82 13.71 -19.91 21.51
CA PRO B 82 14.24 -20.45 22.78
C PRO B 82 13.84 -21.89 23.04
N ILE B 83 12.66 -22.31 22.59
CA ILE B 83 12.22 -23.69 22.80
C ILE B 83 12.52 -24.55 21.58
N ALA B 84 12.15 -24.06 20.39
CA ALA B 84 12.29 -24.88 19.18
C ALA B 84 13.75 -25.27 18.91
N GLU B 85 14.72 -24.42 19.28
CA GLU B 85 16.11 -24.75 18.99
C GLU B 85 16.55 -26.01 19.73
N LYS B 86 15.93 -26.32 20.88
CA LYS B 86 16.25 -27.56 21.57
C LYS B 86 15.80 -28.81 20.82
N HIS B 87 14.85 -28.68 19.90
CA HIS B 87 14.22 -29.83 19.25
C HIS B 87 14.51 -29.91 17.76
N VAL B 88 15.45 -29.09 17.28
CA VAL B 88 15.80 -29.17 15.88
CA VAL B 88 15.86 -29.16 15.87
C VAL B 88 16.32 -30.57 15.54
N ASN B 89 16.02 -31.02 14.32
CA ASN B 89 16.25 -32.40 13.89
C ASN B 89 15.47 -33.40 14.75
N GLY B 90 14.37 -32.92 15.31
CA GLY B 90 13.46 -33.76 16.07
C GLY B 90 12.06 -33.25 15.84
N THR B 91 11.18 -33.49 16.81
CA THR B 91 9.79 -33.07 16.69
C THR B 91 9.34 -32.40 17.98
N MET B 92 8.27 -31.60 17.86
CA MET B 92 7.48 -31.10 18.97
C MET B 92 6.01 -31.33 18.66
N THR B 93 5.19 -31.54 19.69
CA THR B 93 3.78 -31.69 19.43
C THR B 93 3.11 -30.32 19.30
N LEU B 94 1.89 -30.31 18.75
CA LEU B 94 1.19 -29.03 18.62
C LEU B 94 0.90 -28.40 19.97
N ALA B 95 0.67 -29.20 21.01
CA ALA B 95 0.53 -28.66 22.36
C ALA B 95 1.83 -27.99 22.81
N GLU B 96 2.95 -28.67 22.60
CA GLU B 96 4.24 -28.09 22.99
C GLU B 96 4.54 -26.82 22.20
N LEU B 97 4.17 -26.80 20.92
CA LEU B 97 4.37 -25.60 20.10
C LEU B 97 3.47 -24.46 20.59
N SER B 98 2.24 -24.78 20.97
CA SER B 98 1.33 -23.76 21.47
C SER B 98 1.86 -23.17 22.77
N ALA B 99 2.30 -24.04 23.68
CA ALA B 99 2.86 -23.55 24.95
C ALA B 99 4.13 -22.73 24.71
N ALA B 100 4.99 -23.17 23.79
CA ALA B 100 6.19 -22.40 23.51
C ALA B 100 5.85 -21.03 22.93
N ALA B 101 4.92 -20.98 21.97
CA ALA B 101 4.52 -19.71 21.38
C ALA B 101 3.95 -18.78 22.45
N LEU B 102 3.07 -19.30 23.30
CA LEU B 102 2.38 -18.43 24.23
C LEU B 102 3.27 -18.04 25.40
N GLN B 103 3.99 -19.00 25.99
CA GLN B 103 4.63 -18.73 27.27
C GLN B 103 6.05 -18.25 27.14
N TYR B 104 6.70 -18.55 26.02
CA TYR B 104 8.06 -18.11 25.74
C TYR B 104 8.13 -17.20 24.53
N SER B 105 7.04 -17.01 23.83
CA SER B 105 7.03 -16.17 22.65
C SER B 105 7.96 -16.66 21.54
N ASP B 106 8.03 -17.99 21.42
CA ASP B 106 8.91 -18.60 20.43
C ASP B 106 8.34 -18.39 19.02
N ASN B 107 9.15 -17.77 18.14
CA ASN B 107 8.69 -17.43 16.79
C ASN B 107 8.64 -18.63 15.85
N THR B 108 9.53 -19.61 16.03
CA THR B 108 9.43 -20.83 15.24
C THR B 108 8.17 -21.59 15.59
N ALA B 109 7.85 -21.67 16.89
CA ALA B 109 6.63 -22.32 17.32
C ALA B 109 5.42 -21.66 16.69
N MET B 110 5.37 -20.32 16.69
CA MET B 110 4.27 -19.61 16.04
C MET B 110 4.15 -19.99 14.56
N ASN B 111 5.28 -20.06 13.85
CA ASN B 111 5.23 -20.44 12.44
C ASN B 111 4.65 -21.83 12.25
N LYS B 112 4.95 -22.76 13.16
CA LYS B 112 4.32 -24.07 13.05
C LYS B 112 2.82 -23.99 13.28
N LEU B 113 2.36 -23.14 14.22
CA LEU B 113 0.91 -22.98 14.41
C LEU B 113 0.27 -22.43 13.15
N ILE B 114 0.91 -21.40 12.56
CA ILE B 114 0.40 -20.81 11.34
C ILE B 114 0.32 -21.84 10.22
N ALA B 115 1.39 -22.63 10.07
CA ALA B 115 1.39 -23.66 9.03
C ALA B 115 0.27 -24.68 9.27
N GLN B 116 0.07 -25.08 10.52
CA GLN B 116 -1.01 -26.02 10.81
C GLN B 116 -2.36 -25.48 10.38
N LEU B 117 -2.54 -24.16 10.43
CA LEU B 117 -3.80 -23.53 10.06
C LEU B 117 -3.90 -23.22 8.57
N GLY B 118 -2.88 -23.56 7.78
CA GLY B 118 -2.89 -23.29 6.36
C GLY B 118 -2.32 -21.96 5.95
N GLY B 119 -1.63 -21.26 6.84
CA GLY B 119 -1.07 -19.97 6.54
C GLY B 119 -1.75 -18.88 7.33
N PRO B 120 -1.23 -17.65 7.23
CA PRO B 120 -1.84 -16.54 8.01
C PRO B 120 -3.32 -16.39 7.76
N GLY B 121 -3.80 -16.63 6.54
CA GLY B 121 -5.23 -16.53 6.27
C GLY B 121 -6.07 -17.48 7.10
N GLY B 122 -5.50 -18.62 7.50
CA GLY B 122 -6.24 -19.55 8.35
C GLY B 122 -6.43 -19.03 9.76
N VAL B 123 -5.49 -18.24 10.26
CA VAL B 123 -5.66 -17.58 11.55
C VAL B 123 -6.76 -16.53 11.44
N THR B 124 -6.74 -15.74 10.36
CA THR B 124 -7.79 -14.75 10.13
C THR B 124 -9.15 -15.41 10.00
N ALA B 125 -9.22 -16.55 9.27
CA ALA B 125 -10.50 -17.25 9.13
C ALA B 125 -11.05 -17.69 10.48
N PHE B 126 -10.18 -18.14 11.39
CA PHE B 126 -10.67 -18.47 12.73
C PHE B 126 -11.21 -17.24 13.44
N ALA B 127 -10.50 -16.10 13.34
CA ALA B 127 -11.01 -14.86 13.94
C ALA B 127 -12.41 -14.55 13.41
N ARG B 128 -12.62 -14.68 12.10
CA ARG B 128 -13.94 -14.40 11.54
C ARG B 128 -14.98 -15.37 12.08
N ALA B 129 -14.59 -16.65 12.24
CA ALA B 129 -15.52 -17.67 12.74
C ALA B 129 -15.96 -17.39 14.16
N ILE B 130 -15.18 -16.66 14.96
CA ILE B 130 -15.58 -16.32 16.32
C ILE B 130 -16.10 -14.89 16.44
N GLY B 131 -16.41 -14.24 15.32
CA GLY B 131 -17.08 -12.96 15.33
C GLY B 131 -16.18 -11.74 15.31
N ASP B 132 -14.89 -11.92 15.06
CA ASP B 132 -13.94 -10.80 15.01
C ASP B 132 -13.74 -10.47 13.53
N GLU B 133 -14.33 -9.35 13.09
CA GLU B 133 -14.24 -8.87 11.72
C GLU B 133 -13.06 -7.93 11.50
N THR B 134 -12.26 -7.68 12.53
CA THR B 134 -11.23 -6.65 12.50
C THR B 134 -9.83 -7.24 12.40
N PHE B 135 -9.54 -8.27 13.20
CA PHE B 135 -8.24 -8.93 13.19
C PHE B 135 -7.84 -9.34 11.78
N ARG B 136 -6.55 -9.17 11.45
CA ARG B 136 -6.01 -9.79 10.24
C ARG B 136 -4.58 -10.20 10.50
N LEU B 137 -4.24 -11.43 10.14
CA LEU B 137 -2.87 -11.90 10.09
C LEU B 137 -2.52 -12.11 8.62
N ASP B 138 -1.43 -11.49 8.20
CA ASP B 138 -1.01 -11.48 6.81
C ASP B 138 0.33 -12.15 6.56
N ARG B 139 1.20 -12.20 7.56
CA ARG B 139 2.57 -12.66 7.38
C ARG B 139 2.94 -13.65 8.47
N THR B 140 4.02 -14.38 8.22
CA THR B 140 4.61 -15.30 9.18
C THR B 140 5.61 -14.53 10.05
N GLU B 141 6.24 -15.26 10.97
CA GLU B 141 7.35 -14.70 11.74
C GLU B 141 8.63 -14.81 10.92
N PRO B 142 9.52 -13.80 10.99
CA PRO B 142 9.44 -12.63 11.87
C PRO B 142 8.80 -11.39 11.25
N THR B 143 8.46 -11.40 9.96
CA THR B 143 8.10 -10.14 9.31
C THR B 143 6.76 -9.57 9.76
N LEU B 144 5.91 -10.36 10.44
CA LEU B 144 4.66 -9.78 10.91
C LEU B 144 4.88 -8.70 11.97
N ASN B 145 6.11 -8.50 12.43
CA ASN B 145 6.45 -7.51 13.46
C ASN B 145 7.05 -6.23 12.90
N THR B 146 6.96 -5.98 11.58
CA THR B 146 7.61 -4.79 11.02
C THR B 146 6.99 -3.50 11.55
N ALA B 147 5.69 -3.50 11.84
CA ALA B 147 5.03 -2.40 12.54
C ALA B 147 5.17 -1.07 11.80
N ILE B 148 5.07 -1.12 10.48
CA ILE B 148 5.26 0.11 9.69
C ILE B 148 4.04 1.03 9.85
N PRO B 149 4.24 2.32 10.14
CA PRO B 149 3.09 3.23 10.30
C PRO B 149 2.20 3.23 9.06
N GLY B 150 0.89 3.11 9.30
CA GLY B 150 -0.09 3.08 8.22
C GLY B 150 -0.32 1.71 7.58
N ASP B 151 0.52 0.74 7.86
CA ASP B 151 0.40 -0.57 7.23
C ASP B 151 -0.69 -1.38 7.94
N PRO B 152 -1.76 -1.79 7.24
CA PRO B 152 -2.81 -2.55 7.90
C PRO B 152 -2.45 -4.00 8.15
N ARG B 153 -1.35 -4.50 7.59
CA ARG B 153 -1.04 -5.91 7.75
C ARG B 153 -0.78 -6.24 9.20
N ASP B 154 -1.31 -7.38 9.64
CA ASP B 154 -1.02 -7.91 10.97
C ASP B 154 -1.43 -6.94 12.06
N THR B 155 -2.60 -6.31 11.89
CA THR B 155 -3.12 -5.35 12.86
C THR B 155 -4.49 -5.78 13.36
N THR B 156 -4.87 -5.18 14.48
CA THR B 156 -6.25 -5.17 14.95
C THR B 156 -6.45 -3.89 15.74
N THR B 157 -7.66 -3.71 16.26
CA THR B 157 -7.93 -2.56 17.13
C THR B 157 -7.99 -3.03 18.58
N PRO B 158 -7.70 -2.14 19.53
CA PRO B 158 -7.80 -2.57 20.94
C PRO B 158 -9.19 -3.06 21.30
N ARG B 159 -10.23 -2.42 20.78
CA ARG B 159 -11.60 -2.83 21.08
C ARG B 159 -11.86 -4.25 20.58
N ALA B 160 -11.49 -4.51 19.32
CA ALA B 160 -11.72 -5.84 18.77
C ALA B 160 -10.95 -6.90 19.53
N MET B 161 -9.67 -6.63 19.86
CA MET B 161 -8.88 -7.65 20.53
C MET B 161 -9.36 -7.91 21.96
N ALA B 162 -9.82 -6.88 22.67
CA ALA B 162 -10.35 -7.10 24.01
C ALA B 162 -11.62 -7.95 23.95
N GLN B 163 -12.52 -7.65 23.01
CA GLN B 163 -13.73 -8.44 22.88
C GLN B 163 -13.39 -9.88 22.53
N THR B 164 -12.45 -10.08 21.61
CA THR B 164 -12.07 -11.44 21.24
C THR B 164 -11.39 -12.16 22.40
N LEU B 165 -10.46 -11.51 23.10
CA LEU B 165 -9.83 -12.16 24.24
C LEU B 165 -10.86 -12.54 25.29
N ARG B 166 -11.86 -11.69 25.52
CA ARG B 166 -12.93 -12.06 26.44
C ARG B 166 -13.65 -13.32 25.96
N GLN B 167 -14.02 -13.37 24.67
CA GLN B 167 -14.74 -14.53 24.16
C GLN B 167 -13.89 -15.80 24.29
N LEU B 168 -12.58 -15.69 24.06
CA LEU B 168 -11.71 -16.86 24.08
C LEU B 168 -11.48 -17.38 25.48
N THR B 169 -11.33 -16.48 26.46
CA THR B 169 -10.89 -16.89 27.80
C THR B 169 -12.02 -16.95 28.82
N LEU B 170 -13.12 -16.21 28.60
CA LEU B 170 -14.23 -16.15 29.54
C LEU B 170 -15.55 -16.53 28.91
N GLY B 171 -15.65 -16.54 27.60
CA GLY B 171 -16.88 -16.88 26.92
C GLY B 171 -16.78 -18.24 26.27
N HIS B 172 -17.43 -18.40 25.12
CA HIS B 172 -17.67 -19.73 24.54
C HIS B 172 -17.19 -19.83 23.11
N ALA B 173 -16.18 -19.04 22.75
CA ALA B 173 -15.56 -19.21 21.44
C ALA B 173 -14.91 -20.57 21.32
N LEU B 174 -14.39 -21.10 22.43
CA LEU B 174 -13.79 -22.42 22.50
C LEU B 174 -14.62 -23.31 23.40
N GLY B 175 -14.45 -24.64 23.22
CA GLY B 175 -15.03 -25.59 24.15
C GLY B 175 -14.42 -25.45 25.53
N GLU B 176 -15.13 -25.98 26.53
CA GLU B 176 -14.72 -25.71 27.91
C GLU B 176 -13.29 -26.15 28.20
N THR B 177 -12.90 -27.35 27.77
CA THR B 177 -11.55 -27.84 28.06
C THR B 177 -10.51 -26.96 27.36
N GLN B 178 -10.84 -26.50 26.16
CA GLN B 178 -9.90 -25.71 25.38
C GLN B 178 -9.77 -24.31 25.96
N ARG B 179 -10.89 -23.72 26.38
CA ARG B 179 -10.84 -22.44 27.07
C ARG B 179 -9.95 -22.54 28.31
N ALA B 180 -10.15 -23.59 29.11
CA ALA B 180 -9.34 -23.75 30.32
C ALA B 180 -7.86 -23.92 29.97
N GLN B 181 -7.56 -24.66 28.89
CA GLN B 181 -6.17 -24.83 28.47
C GLN B 181 -5.56 -23.50 28.05
N LEU B 182 -6.32 -22.68 27.32
CA LEU B 182 -5.79 -21.37 26.94
C LEU B 182 -5.50 -20.52 28.16
N VAL B 183 -6.43 -20.51 29.13
CA VAL B 183 -6.23 -19.72 30.34
C VAL B 183 -5.02 -20.21 31.11
N THR B 184 -4.87 -21.53 31.25
CA THR B 184 -3.69 -22.08 31.93
C THR B 184 -2.41 -21.62 31.25
N TRP B 185 -2.38 -21.67 29.91
CA TRP B 185 -1.19 -21.23 29.21
C TRP B 185 -0.90 -19.76 29.48
N LEU B 186 -1.92 -18.90 29.34
CA LEU B 186 -1.73 -17.47 29.55
C LEU B 186 -1.24 -17.19 30.97
N LYS B 187 -1.80 -17.90 31.96
CA LYS B 187 -1.40 -17.68 33.34
C LYS B 187 0.04 -18.11 33.60
N GLY B 188 0.58 -19.03 32.81
CA GLY B 188 1.97 -19.45 32.92
C GLY B 188 2.94 -18.67 32.06
N ASN B 189 2.51 -17.54 31.48
CA ASN B 189 3.42 -16.76 30.65
C ASN B 189 4.67 -16.37 31.44
N THR B 190 5.83 -16.41 30.77
CA THR B 190 7.08 -16.02 31.40
C THR B 190 7.48 -14.57 31.11
N THR B 191 6.86 -13.92 30.13
CA THR B 191 7.39 -12.67 29.60
C THR B 191 6.70 -11.40 30.09
N GLY B 192 5.74 -11.50 31.01
CA GLY B 192 4.83 -10.40 31.22
C GLY B 192 4.98 -9.54 32.46
N ALA B 193 5.96 -9.82 33.34
CA ALA B 193 5.97 -9.15 34.64
C ALA B 193 6.22 -7.65 34.53
N ALA B 194 6.84 -7.18 33.44
CA ALA B 194 7.14 -5.76 33.31
C ALA B 194 6.04 -4.97 32.60
N SER B 195 5.00 -5.64 32.12
CA SER B 195 4.02 -4.98 31.26
C SER B 195 2.74 -4.71 32.04
N ILE B 196 1.57 -5.19 31.59
CA ILE B 196 0.32 -4.88 32.30
C ILE B 196 0.43 -5.26 33.78
N ARG B 197 0.99 -6.43 34.08
CA ARG B 197 1.12 -6.94 35.44
C ARG B 197 1.79 -5.92 36.36
N ALA B 198 2.77 -5.18 35.83
CA ALA B 198 3.53 -4.26 36.69
C ALA B 198 2.71 -3.04 37.12
N GLY B 199 1.56 -2.80 36.51
CA GLY B 199 0.71 -1.70 36.93
C GLY B 199 -0.43 -2.10 37.83
N LEU B 200 -0.53 -3.37 38.20
CA LEU B 200 -1.70 -3.88 38.91
C LEU B 200 -1.34 -4.27 40.34
N PRO B 201 -2.31 -4.27 41.25
CA PRO B 201 -2.04 -4.77 42.61
C PRO B 201 -1.51 -6.19 42.56
N THR B 202 -0.58 -6.47 43.46
CA THR B 202 0.13 -7.74 43.43
C THR B 202 -0.78 -8.93 43.72
N SER B 203 -1.89 -8.71 44.42
CA SER B 203 -2.77 -9.82 44.77
C SER B 203 -3.60 -10.32 43.59
N TRP B 204 -3.65 -9.56 42.50
CA TRP B 204 -4.51 -9.92 41.38
C TRP B 204 -3.82 -11.00 40.55
N THR B 205 -4.63 -11.90 39.97
CA THR B 205 -4.10 -12.94 39.10
C THR B 205 -4.17 -12.47 37.65
N VAL B 206 -3.11 -12.73 36.88
CA VAL B 206 -3.00 -12.25 35.51
C VAL B 206 -2.57 -13.38 34.58
N GLY B 207 -3.22 -13.48 33.43
CA GLY B 207 -2.70 -14.24 32.31
C GLY B 207 -2.53 -13.27 31.16
N ASP B 208 -1.40 -13.30 30.46
CA ASP B 208 -1.17 -12.28 29.44
C ASP B 208 -0.33 -12.84 28.31
N LYS B 209 -0.31 -12.10 27.20
CA LYS B 209 0.60 -12.37 26.10
C LYS B 209 1.18 -11.03 25.63
N THR B 210 2.51 -10.93 25.66
CA THR B 210 3.23 -9.73 25.25
C THR B 210 3.47 -9.74 23.74
N GLY B 211 3.88 -8.58 23.23
CA GLY B 211 4.39 -8.49 21.87
C GLY B 211 5.29 -7.29 21.73
N SER B 212 6.21 -7.37 20.77
CA SER B 212 7.05 -6.22 20.47
C SER B 212 7.57 -6.33 19.05
N GLY B 213 8.03 -5.20 18.51
CA GLY B 213 8.48 -5.17 17.14
C GLY B 213 9.23 -3.89 16.82
N ASP B 214 9.40 -3.62 15.53
CA ASP B 214 10.04 -2.39 15.10
C ASP B 214 9.18 -1.18 15.49
N TYR B 215 9.72 0.01 15.28
CA TYR B 215 9.06 1.25 15.71
C TYR B 215 8.78 1.25 17.22
N GLY B 216 9.63 0.56 17.99
CA GLY B 216 9.46 0.55 19.43
C GLY B 216 8.13 -0.01 19.86
N THR B 217 7.53 -0.89 19.06
CA THR B 217 6.19 -1.37 19.34
C THR B 217 6.25 -2.26 20.58
N THR B 218 5.37 -1.99 21.54
CA THR B 218 5.38 -2.68 22.83
C THR B 218 3.93 -2.93 23.20
N ASN B 219 3.53 -4.20 23.29
CA ASN B 219 2.13 -4.58 23.45
C ASN B 219 1.96 -5.61 24.56
N ASP B 220 0.74 -5.67 25.09
CA ASP B 220 0.36 -6.71 26.02
C ASP B 220 -1.16 -6.82 26.00
N ILE B 221 -1.66 -8.06 26.06
CA ILE B 221 -3.09 -8.31 26.22
C ILE B 221 -3.26 -9.26 27.38
N ALA B 222 -4.25 -9.01 28.22
CA ALA B 222 -4.31 -9.74 29.48
C ALA B 222 -5.75 -10.01 29.91
N VAL B 223 -5.94 -11.13 30.59
N VAL B 223 -5.94 -11.13 30.58
CA VAL B 223 -7.15 -11.36 31.38
CA VAL B 223 -7.13 -11.37 31.38
C VAL B 223 -6.73 -11.33 32.84
C VAL B 223 -6.70 -11.28 32.83
N ILE B 224 -7.50 -10.61 33.65
CA ILE B 224 -7.11 -10.23 35.00
C ILE B 224 -8.22 -10.62 35.94
N TRP B 225 -7.88 -11.32 37.03
CA TRP B 225 -8.84 -11.64 38.08
C TRP B 225 -8.49 -10.81 39.30
N PRO B 226 -9.11 -9.65 39.50
CA PRO B 226 -8.83 -8.88 40.71
C PRO B 226 -9.34 -9.63 41.91
N GLN B 227 -8.72 -9.37 43.05
N GLN B 227 -8.73 -9.38 43.06
CA GLN B 227 -9.12 -10.00 44.31
CA GLN B 227 -9.10 -10.12 44.25
C GLN B 227 -10.60 -9.73 44.58
C GLN B 227 -10.53 -9.78 44.66
N GLY B 228 -11.38 -10.80 44.68
CA GLY B 228 -12.75 -10.68 45.09
C GLY B 228 -13.72 -10.13 44.07
N ARG B 229 -13.28 -9.90 42.82
CA ARG B 229 -14.12 -9.24 41.83
C ARG B 229 -14.14 -10.04 40.54
N ALA B 230 -15.12 -9.74 39.70
CA ALA B 230 -15.21 -10.38 38.38
C ALA B 230 -14.01 -9.98 37.50
N PRO B 231 -13.65 -10.82 36.53
CA PRO B 231 -12.43 -10.56 35.75
C PRO B 231 -12.56 -9.35 34.83
N LEU B 232 -11.39 -8.81 34.50
CA LEU B 232 -11.21 -7.77 33.49
C LEU B 232 -10.46 -8.34 32.30
N VAL B 233 -10.69 -7.74 31.13
CA VAL B 233 -9.86 -7.98 29.96
C VAL B 233 -9.26 -6.64 29.59
N LEU B 234 -7.94 -6.62 29.39
CA LEU B 234 -7.25 -5.37 29.11
C LEU B 234 -6.27 -5.57 27.96
N VAL B 235 -6.36 -4.66 26.98
CA VAL B 235 -5.42 -4.60 25.87
C VAL B 235 -4.69 -3.27 25.99
N THR B 236 -3.35 -3.31 25.93
CA THR B 236 -2.55 -2.10 25.85
C THR B 236 -1.57 -2.27 24.68
N TYR B 237 -1.72 -1.43 23.66
CA TYR B 237 -0.88 -1.43 22.49
C TYR B 237 -0.15 -0.10 22.42
N PHE B 238 1.11 -0.12 22.02
CA PHE B 238 1.91 1.10 22.00
C PHE B 238 2.89 1.03 20.85
N THR B 239 2.99 2.10 20.08
CA THR B 239 3.96 2.15 18.98
C THR B 239 4.49 3.58 18.85
N GLN B 240 5.63 3.71 18.20
CA GLN B 240 6.39 4.96 18.28
C GLN B 240 6.76 5.47 16.90
N PRO B 241 7.09 6.78 16.79
CA PRO B 241 7.32 7.36 15.46
C PRO B 241 8.60 6.90 14.79
N GLN B 242 9.64 6.59 15.54
CA GLN B 242 10.96 6.35 14.94
C GLN B 242 11.19 4.86 14.84
N GLN B 243 11.66 4.42 13.67
CA GLN B 243 11.90 3.00 13.46
C GLN B 243 12.74 2.38 14.58
N ASN B 244 13.79 3.08 15.02
CA ASN B 244 14.73 2.49 15.97
C ASN B 244 14.34 2.71 17.45
N ALA B 245 13.11 3.12 17.74
CA ALA B 245 12.74 3.41 19.12
C ALA B 245 12.90 2.18 20.01
N GLU B 246 13.17 2.44 21.29
CA GLU B 246 13.35 1.38 22.28
C GLU B 246 12.00 0.91 22.81
N SER B 247 11.99 -0.32 23.34
CA SER B 247 10.80 -0.86 23.98
CA SER B 247 10.79 -0.85 23.97
C SER B 247 10.42 0.00 25.19
N ARG B 248 9.11 0.09 25.46
CA ARG B 248 8.58 0.89 26.56
C ARG B 248 7.51 0.10 27.33
N ARG B 249 7.94 -1.01 27.95
CA ARG B 249 6.99 -1.79 28.75
C ARG B 249 6.42 -0.97 29.90
N ASP B 250 7.18 0.02 30.39
CA ASP B 250 6.71 0.88 31.47
C ASP B 250 5.47 1.67 31.06
N VAL B 251 5.31 1.98 29.77
CA VAL B 251 4.12 2.69 29.33
C VAL B 251 2.90 1.81 29.48
N LEU B 252 3.05 0.51 29.19
CA LEU B 252 1.93 -0.41 29.36
C LEU B 252 1.58 -0.56 30.84
N ALA B 253 2.60 -0.69 31.69
CA ALA B 253 2.36 -0.74 33.13
C ALA B 253 1.67 0.52 33.61
N SER B 254 2.10 1.69 33.12
CA SER B 254 1.50 2.95 33.54
C SER B 254 0.04 3.02 33.10
N ALA B 255 -0.27 2.56 31.88
CA ALA B 255 -1.65 2.54 31.42
C ALA B 255 -2.52 1.60 32.27
N ALA B 256 -1.98 0.43 32.63
CA ALA B 256 -2.72 -0.49 33.48
C ALA B 256 -2.97 0.12 34.85
N ARG B 257 -1.98 0.83 35.39
CA ARG B 257 -2.13 1.47 36.70
C ARG B 257 -3.24 2.50 36.67
N ILE B 258 -3.30 3.32 35.61
CA ILE B 258 -4.37 4.29 35.46
C ILE B 258 -5.73 3.59 35.44
N ILE B 259 -5.83 2.51 34.67
CA ILE B 259 -7.08 1.76 34.57
C ILE B 259 -7.49 1.21 35.92
N ALA B 260 -6.54 0.61 36.66
CA ALA B 260 -6.87 -0.02 37.93
C ALA B 260 -7.33 1.01 38.95
N GLU B 261 -6.72 2.20 38.95
CA GLU B 261 -7.14 3.26 39.86
C GLU B 261 -8.56 3.72 39.57
N GLY B 262 -8.95 3.71 38.30
CA GLY B 262 -10.26 4.17 37.90
C GLY B 262 -11.38 3.18 38.13
N LEU B 263 -11.06 1.95 38.54
CA LEU B 263 -12.06 0.98 38.91
C LEU B 263 -12.71 1.43 40.21
#